data_8JJL
#
_entry.id   8JJL
#
loop_
_entity.id
_entity.type
_entity.pdbx_description
1 polymer 'Beta-2 adrenergic receptor,Soluble cytochrome b562'
2 non-polymer Olodaterol
#
_entity_poly.entity_id   1
_entity_poly.type   'polypeptide(L)'
_entity_poly.pdbx_seq_one_letter_code
;MKTIIALSYIFCLVFADYKDDDDKDEVWVVGMGIVMSLIVLAIVFGNVLVITAIAKFERLQTVTNYFITSLACADLVMGL
AVVPFGAAHILMKMWTFGNFWCEFWTSIDVLCVTASIETLCVIAVDRYFAITSPFKYQSLLTKNKARVIILMVWIVSGLT
SFLPIQMHWYRATHQEAINCYAEETCCDFFTNQAYAIASSIVSFYVPLVIMVFVYSRVFQEAKRQLADLEDNWETLNDNL
KVIEKADNAAQVKDALTKMRAAALDAQKASGSGSPEMKDFRHGFDILVGQIDDALKLANEGKVKEAQAAAEQLKTTRNAY
IQKYLKFCLKEHKALKTLGIIMGTFTLCWLPFFIVNIVHVIQDNLIRKEVYILLNWIGYVNSGFNPLIYSRSPDFRIAFQ
ELLKIAALKEKIAALKEKIAALKEAEEKRASRLEEELRRRLTEGSHHHHHHHH
;
_entity_poly.pdbx_strand_id   A
#
loop_
_chem_comp.id
_chem_comp.type
_chem_comp.name
_chem_comp.formula
DZQ non-polymer Olodaterol 'C21 H26 N2 O5'
#
# COMPACT_ATOMS: atom_id res chain seq x y z
N ASP A 25 31.93 -12.85 22.59
CA ASP A 25 33.02 -13.57 21.95
C ASP A 25 32.79 -13.67 20.44
N GLU A 26 33.54 -14.57 19.80
CA GLU A 26 33.40 -14.75 18.36
C GLU A 26 32.13 -15.50 17.99
N VAL A 27 31.54 -16.26 18.93
CA VAL A 27 30.31 -16.99 18.63
C VAL A 27 29.17 -16.03 18.34
N TRP A 28 29.01 -15.01 19.18
CA TRP A 28 27.98 -14.00 18.94
C TRP A 28 28.22 -13.26 17.64
N VAL A 29 29.49 -12.94 17.34
CA VAL A 29 29.81 -12.24 16.11
C VAL A 29 29.43 -13.08 14.90
N VAL A 30 29.76 -14.37 14.93
CA VAL A 30 29.46 -15.25 13.80
C VAL A 30 27.94 -15.41 13.64
N GLY A 31 27.23 -15.60 14.75
CA GLY A 31 25.79 -15.74 14.67
C GLY A 31 25.11 -14.50 14.14
N MET A 32 25.52 -13.33 14.64
CA MET A 32 24.99 -12.08 14.11
C MET A 32 25.32 -11.93 12.64
N GLY A 33 26.54 -12.25 12.24
CA GLY A 33 26.92 -12.11 10.85
C GLY A 33 26.10 -12.99 9.93
N ILE A 34 25.87 -14.24 10.33
CA ILE A 34 25.12 -15.14 9.46
C ILE A 34 23.66 -14.74 9.40
N VAL A 35 23.06 -14.35 10.55
CA VAL A 35 21.66 -13.95 10.50
C VAL A 35 21.49 -12.65 9.72
N MET A 36 22.46 -11.73 9.80
CA MET A 36 22.34 -10.47 9.08
C MET A 36 22.58 -10.66 7.58
N SER A 37 23.47 -11.60 7.22
CA SER A 37 23.63 -11.95 5.81
C SER A 37 22.36 -12.60 5.26
N LEU A 38 21.71 -13.44 6.06
CA LEU A 38 20.42 -14.00 5.66
C LEU A 38 19.39 -12.89 5.47
N ILE A 39 19.41 -11.89 6.35
CA ILE A 39 18.52 -10.74 6.19
C ILE A 39 18.80 -10.01 4.88
N VAL A 40 20.09 -9.79 4.58
CA VAL A 40 20.48 -9.15 3.33
C VAL A 40 19.93 -9.93 2.14
N LEU A 41 20.14 -11.25 2.14
CA LEU A 41 19.72 -12.07 1.03
C LEU A 41 18.20 -12.07 0.89
N ALA A 42 17.48 -12.15 2.00
CA ALA A 42 16.02 -12.13 1.94
C ALA A 42 15.51 -10.81 1.38
N ILE A 43 16.06 -9.70 1.86
CA ILE A 43 15.62 -8.38 1.38
C ILE A 43 15.88 -8.26 -0.12
N VAL A 44 17.10 -8.57 -0.54
CA VAL A 44 17.47 -8.42 -1.95
C VAL A 44 16.61 -9.33 -2.82
N PHE A 45 16.44 -10.58 -2.40
CA PHE A 45 15.67 -11.54 -3.20
C PHE A 45 14.23 -11.11 -3.34
N GLY A 46 13.59 -10.71 -2.23
CA GLY A 46 12.21 -10.28 -2.32
C GLY A 46 12.04 -9.04 -3.19
N ASN A 47 12.93 -8.06 -3.04
CA ASN A 47 12.79 -6.84 -3.82
C ASN A 47 13.03 -7.09 -5.30
N VAL A 48 14.04 -7.89 -5.65
CA VAL A 48 14.27 -8.17 -7.07
C VAL A 48 13.14 -9.01 -7.63
N LEU A 49 12.55 -9.90 -6.82
CA LEU A 49 11.39 -10.65 -7.28
C LEU A 49 10.22 -9.73 -7.59
N VAL A 50 9.97 -8.75 -6.72
CA VAL A 50 8.89 -7.79 -6.98
C VAL A 50 9.16 -6.99 -8.25
N ILE A 51 10.40 -6.51 -8.40
CA ILE A 51 10.75 -5.71 -9.58
C ILE A 51 10.58 -6.54 -10.86
N THR A 52 11.05 -7.79 -10.83
CA THR A 52 10.92 -8.64 -12.01
C THR A 52 9.46 -8.95 -12.31
N ALA A 53 8.65 -9.18 -11.28
CA ALA A 53 7.24 -9.46 -11.49
C ALA A 53 6.54 -8.27 -12.13
N ILE A 54 6.85 -7.06 -11.67
CA ILE A 54 6.24 -5.87 -12.28
C ILE A 54 6.72 -5.70 -13.72
N ALA A 55 8.03 -5.83 -13.94
CA ALA A 55 8.60 -5.48 -15.25
C ALA A 55 8.17 -6.46 -16.34
N LYS A 56 8.23 -7.75 -16.06
CA LYS A 56 8.03 -8.75 -17.12
C LYS A 56 6.55 -9.04 -17.34
N PHE A 57 5.82 -9.41 -16.28
CA PHE A 57 4.45 -9.85 -16.43
C PHE A 57 3.56 -8.70 -16.91
N GLU A 58 2.71 -8.99 -17.90
CA GLU A 58 1.89 -7.98 -18.56
C GLU A 58 0.72 -7.50 -17.70
N ARG A 59 0.34 -8.25 -16.66
CA ARG A 59 -0.79 -7.87 -15.83
C ARG A 59 -0.37 -7.09 -14.59
N LEU A 60 0.90 -6.68 -14.50
CA LEU A 60 1.42 -6.01 -13.32
C LEU A 60 2.09 -4.69 -13.71
N GLN A 61 1.39 -3.87 -14.49
CA GLN A 61 1.86 -2.52 -14.83
C GLN A 61 0.80 -1.46 -14.57
N THR A 62 -0.07 -1.70 -13.60
CA THR A 62 -1.02 -0.66 -13.22
C THR A 62 -0.31 0.48 -12.49
N VAL A 63 -1.00 1.61 -12.40
CA VAL A 63 -0.41 2.81 -11.80
C VAL A 63 0.00 2.53 -10.35
N THR A 64 -0.83 1.80 -9.61
CA THR A 64 -0.47 1.43 -8.24
C THR A 64 0.77 0.54 -8.23
N ASN A 65 0.88 -0.38 -9.19
CA ASN A 65 2.04 -1.26 -9.23
C ASN A 65 3.31 -0.51 -9.54
N TYR A 66 3.22 0.65 -10.22
CA TYR A 66 4.40 1.49 -10.39
C TYR A 66 4.88 2.04 -9.04
N PHE A 67 3.94 2.42 -8.17
CA PHE A 67 4.32 2.85 -6.83
C PHE A 67 4.86 1.69 -6.00
N ILE A 68 4.30 0.49 -6.19
CA ILE A 68 4.86 -0.70 -5.56
C ILE A 68 6.30 -0.92 -6.03
N THR A 69 6.54 -0.68 -7.32
CA THR A 69 7.89 -0.78 -7.87
C THR A 69 8.82 0.23 -7.23
N SER A 70 8.33 1.46 -7.04
CA SER A 70 9.14 2.49 -6.38
C SER A 70 9.50 2.06 -4.97
N LEU A 71 8.52 1.55 -4.22
CA LEU A 71 8.79 1.09 -2.86
C LEU A 71 9.78 -0.06 -2.86
N ALA A 72 9.62 -1.01 -3.78
CA ALA A 72 10.50 -2.17 -3.81
C ALA A 72 11.91 -1.78 -4.24
N CYS A 73 12.05 -0.83 -5.15
CA CYS A 73 13.38 -0.39 -5.56
C CYS A 73 14.05 0.41 -4.46
N ALA A 74 13.29 1.22 -3.72
CA ALA A 74 13.85 1.87 -2.55
C ALA A 74 14.32 0.84 -1.53
N ASP A 75 13.52 -0.20 -1.30
CA ASP A 75 13.90 -1.25 -0.37
C ASP A 75 15.15 -1.99 -0.84
N LEU A 76 15.25 -2.27 -2.14
CA LEU A 76 16.41 -2.98 -2.68
C LEU A 76 17.67 -2.11 -2.57
N VAL A 77 17.56 -0.83 -2.89
CA VAL A 77 18.70 0.07 -2.77
C VAL A 77 19.14 0.18 -1.32
N MET A 78 18.17 0.32 -0.41
CA MET A 78 18.50 0.39 1.02
C MET A 78 19.23 -0.88 1.43
N GLY A 79 18.67 -2.03 1.06
CA GLY A 79 19.32 -3.31 1.34
C GLY A 79 20.76 -3.30 0.90
N LEU A 80 20.99 -3.21 -0.42
CA LEU A 80 22.35 -3.36 -0.95
C LEU A 80 23.31 -2.34 -0.36
N ALA A 81 22.89 -1.08 -0.27
CA ALA A 81 23.84 -0.01 0.04
C ALA A 81 23.99 0.23 1.53
N VAL A 82 23.08 -0.28 2.35
CA VAL A 82 23.07 0.02 3.77
C VAL A 82 23.28 -1.23 4.62
N VAL A 83 22.50 -2.28 4.37
CA VAL A 83 22.46 -3.41 5.30
C VAL A 83 23.82 -4.09 5.44
N PRO A 84 24.52 -4.45 4.36
CA PRO A 84 25.89 -4.96 4.55
C PRO A 84 26.82 -3.93 5.17
N PHE A 85 26.64 -2.65 4.82
CA PHE A 85 27.51 -1.62 5.38
C PHE A 85 27.25 -1.42 6.87
N GLY A 86 25.98 -1.38 7.28
CA GLY A 86 25.67 -1.29 8.69
C GLY A 86 26.12 -2.53 9.45
N ALA A 87 25.99 -3.70 8.82
CA ALA A 87 26.49 -4.93 9.41
C ALA A 87 27.98 -4.85 9.66
N ALA A 88 28.74 -4.39 8.67
CA ALA A 88 30.18 -4.24 8.84
C ALA A 88 30.49 -3.22 9.92
N HIS A 89 29.74 -2.11 9.96
CA HIS A 89 29.99 -1.07 10.95
C HIS A 89 29.78 -1.60 12.37
N ILE A 90 28.77 -2.44 12.57
CA ILE A 90 28.49 -2.93 13.92
C ILE A 90 29.20 -4.25 14.24
N LEU A 91 29.84 -4.90 13.26
CA LEU A 91 30.62 -6.10 13.53
C LEU A 91 32.10 -5.78 13.70
N MET A 92 32.70 -5.06 12.76
CA MET A 92 34.09 -4.65 12.89
C MET A 92 34.28 -3.59 13.98
N LYS A 93 33.18 -3.04 14.51
CA LYS A 93 33.19 -2.01 15.56
C LYS A 93 33.81 -0.70 15.09
N MET A 94 34.22 -0.61 13.82
CA MET A 94 34.79 0.61 13.28
C MET A 94 34.58 0.61 11.77
N TRP A 95 34.37 1.80 11.23
CA TRP A 95 34.14 1.97 9.80
C TRP A 95 35.46 1.90 9.04
N THR A 96 35.43 1.24 7.89
CA THR A 96 36.65 0.97 7.10
C THR A 96 36.44 1.32 5.64
N PHE A 97 35.77 2.45 5.37
CA PHE A 97 35.57 2.89 4.00
C PHE A 97 35.76 4.40 3.84
N GLY A 98 36.17 5.11 4.88
CA GLY A 98 36.43 6.53 4.79
C GLY A 98 35.24 7.39 5.20
N ASN A 99 35.55 8.62 5.57
CA ASN A 99 34.54 9.59 5.97
C ASN A 99 33.57 9.93 4.85
N PHE A 100 34.05 10.09 3.62
CA PHE A 100 33.16 10.38 2.50
C PHE A 100 32.15 9.26 2.29
N TRP A 101 32.61 8.01 2.33
CA TRP A 101 31.69 6.90 2.13
C TRP A 101 30.79 6.69 3.33
N CYS A 102 31.24 7.07 4.53
CA CYS A 102 30.34 7.07 5.68
C CYS A 102 29.22 8.07 5.49
N GLU A 103 29.55 9.30 5.10
CA GLU A 103 28.60 10.36 4.84
C GLU A 103 27.68 10.03 3.68
N PHE A 104 28.15 9.24 2.72
CA PHE A 104 27.35 8.75 1.61
C PHE A 104 26.41 7.64 2.04
N TRP A 105 26.89 6.73 2.89
CA TRP A 105 26.06 5.62 3.37
C TRP A 105 24.92 6.13 4.25
N THR A 106 25.21 7.09 5.13
CA THR A 106 24.14 7.69 5.93
C THR A 106 23.13 8.41 5.04
N SER A 107 23.62 9.08 4.00
CA SER A 107 22.73 9.74 3.06
C SER A 107 21.83 8.73 2.35
N ILE A 108 22.40 7.59 1.93
CA ILE A 108 21.59 6.55 1.30
C ILE A 108 20.56 6.00 2.28
N ASP A 109 20.94 5.81 3.55
CA ASP A 109 19.99 5.29 4.53
C ASP A 109 18.81 6.24 4.69
N VAL A 110 19.09 7.53 4.94
CA VAL A 110 18.01 8.49 5.12
C VAL A 110 17.19 8.63 3.85
N LEU A 111 17.85 8.64 2.69
CA LEU A 111 17.16 8.73 1.41
C LEU A 111 16.19 7.57 1.24
N CYS A 112 16.63 6.35 1.52
CA CYS A 112 15.79 5.18 1.29
C CYS A 112 14.64 5.14 2.28
N VAL A 113 14.88 5.50 3.54
CA VAL A 113 13.78 5.52 4.52
C VAL A 113 12.74 6.56 4.12
N THR A 114 13.19 7.76 3.76
CA THR A 114 12.27 8.81 3.34
C THR A 114 11.52 8.42 2.07
N ALA A 115 12.24 7.81 1.12
CA ALA A 115 11.61 7.38 -0.12
C ALA A 115 10.55 6.31 0.14
N SER A 116 10.85 5.36 1.03
CA SER A 116 9.87 4.32 1.34
C SER A 116 8.62 4.90 1.99
N ILE A 117 8.81 5.78 2.98
CA ILE A 117 7.63 6.31 3.67
C ILE A 117 6.84 7.24 2.76
N GLU A 118 7.52 8.03 1.92
CA GLU A 118 6.82 8.92 1.01
C GLU A 118 6.14 8.13 -0.12
N THR A 119 6.74 7.03 -0.55
CA THR A 119 6.10 6.18 -1.54
C THR A 119 4.86 5.52 -0.95
N LEU A 120 4.90 5.13 0.32
CA LEU A 120 3.71 4.62 0.98
C LEU A 120 2.64 5.70 1.07
N CYS A 121 3.04 6.94 1.37
CA CYS A 121 2.09 8.04 1.37
C CYS A 121 1.46 8.25 0.00
N VAL A 122 2.27 8.19 -1.06
CA VAL A 122 1.76 8.34 -2.42
C VAL A 122 0.85 7.17 -2.77
N ILE A 123 1.16 5.98 -2.28
CA ILE A 123 0.28 4.83 -2.48
C ILE A 123 -1.07 5.07 -1.83
N ALA A 124 -1.06 5.59 -0.59
CA ALA A 124 -2.32 5.91 0.09
C ALA A 124 -3.11 6.95 -0.68
N VAL A 125 -2.43 7.99 -1.18
CA VAL A 125 -3.12 9.02 -1.96
C VAL A 125 -3.69 8.44 -3.24
N ASP A 126 -2.93 7.56 -3.89
CA ASP A 126 -3.41 6.89 -5.11
C ASP A 126 -4.63 6.04 -4.82
N ARG A 127 -4.68 5.40 -3.65
CA ARG A 127 -5.85 4.63 -3.26
C ARG A 127 -6.99 5.51 -2.76
N TYR A 128 -6.71 6.77 -2.43
CA TYR A 128 -7.79 7.72 -2.21
C TYR A 128 -8.58 7.94 -3.48
N PHE A 129 -7.87 8.09 -4.61
CA PHE A 129 -8.50 8.04 -5.91
C PHE A 129 -8.76 6.59 -6.30
N ALA A 130 -9.52 6.41 -7.39
CA ALA A 130 -9.98 5.10 -7.86
C ALA A 130 -10.89 4.44 -6.82
N ILE A 131 -11.16 5.15 -5.73
CA ILE A 131 -12.14 4.74 -4.73
C ILE A 131 -13.10 5.90 -4.56
N THR A 132 -12.62 7.12 -4.85
CA THR A 132 -13.41 8.34 -4.78
C THR A 132 -13.81 8.86 -6.15
N SER A 133 -12.83 9.10 -7.02
CA SER A 133 -13.07 9.63 -8.36
C SER A 133 -12.27 8.82 -9.38
N PRO A 134 -12.71 7.60 -9.69
CA PRO A 134 -12.06 6.84 -10.78
C PRO A 134 -12.14 7.54 -12.12
N PHE A 135 -13.19 8.32 -12.35
CA PHE A 135 -13.35 9.03 -13.62
C PHE A 135 -12.15 9.94 -13.87
N LYS A 136 -11.70 10.65 -12.83
CA LYS A 136 -10.49 11.45 -12.94
C LYS A 136 -9.22 10.60 -12.80
N TYR A 137 -9.33 9.38 -12.29
CA TYR A 137 -8.15 8.55 -12.12
C TYR A 137 -7.69 7.98 -13.46
N GLN A 138 -8.54 7.21 -14.12
CA GLN A 138 -8.19 6.63 -15.41
C GLN A 138 -8.21 7.64 -16.56
N SER A 139 -8.37 8.93 -16.27
CA SER A 139 -8.35 9.97 -17.29
C SER A 139 -7.02 10.72 -17.34
N LEU A 140 -6.61 11.33 -16.24
CA LEU A 140 -5.43 12.19 -16.22
C LEU A 140 -4.25 11.56 -15.48
N LEU A 141 -4.40 10.33 -14.97
CA LEU A 141 -3.31 9.63 -14.29
C LEU A 141 -2.92 8.43 -15.12
N THR A 142 -1.79 8.52 -15.81
CA THR A 142 -1.32 7.43 -16.67
C THR A 142 0.03 6.92 -16.19
N LYS A 143 0.64 6.02 -16.97
CA LYS A 143 1.94 5.49 -16.62
C LYS A 143 3.00 6.59 -16.62
N ASN A 144 2.91 7.52 -17.58
CA ASN A 144 3.83 8.64 -17.60
C ASN A 144 3.67 9.53 -16.37
N LYS A 145 2.44 9.82 -15.96
CA LYS A 145 2.22 10.62 -14.77
C LYS A 145 2.73 9.89 -13.52
N ALA A 146 2.53 8.57 -13.47
CA ALA A 146 3.06 7.79 -12.35
C ALA A 146 4.58 7.88 -12.31
N ARG A 147 5.24 7.77 -13.46
CA ARG A 147 6.69 7.90 -13.50
C ARG A 147 7.11 9.29 -13.03
N VAL A 148 6.39 10.32 -13.48
CA VAL A 148 6.75 11.70 -13.10
C VAL A 148 6.65 11.87 -11.59
N ILE A 149 5.55 11.39 -10.99
CA ILE A 149 5.36 11.59 -9.56
C ILE A 149 6.35 10.74 -8.76
N ILE A 150 6.68 9.54 -9.27
CA ILE A 150 7.68 8.72 -8.59
C ILE A 150 9.05 9.39 -8.59
N LEU A 151 9.47 9.93 -9.74
CA LEU A 151 10.72 10.67 -9.79
C LEU A 151 10.67 11.92 -8.92
N MET A 152 9.53 12.59 -8.85
CA MET A 152 9.40 13.76 -7.98
C MET A 152 9.60 13.36 -6.52
N VAL A 153 8.98 12.26 -6.11
CA VAL A 153 9.13 11.78 -4.73
C VAL A 153 10.59 11.42 -4.46
N TRP A 154 11.23 10.73 -5.40
CA TRP A 154 12.62 10.35 -5.20
C TRP A 154 13.53 11.56 -5.13
N ILE A 155 13.26 12.58 -5.95
CA ILE A 155 14.06 13.81 -5.91
C ILE A 155 13.88 14.53 -4.58
N VAL A 156 12.63 14.61 -4.08
CA VAL A 156 12.39 15.27 -2.80
C VAL A 156 13.11 14.52 -1.68
N SER A 157 13.01 13.19 -1.68
CA SER A 157 13.69 12.41 -0.65
C SER A 157 15.21 12.57 -0.74
N GLY A 158 15.75 12.53 -1.94
CA GLY A 158 17.19 12.72 -2.11
C GLY A 158 17.65 14.08 -1.65
N LEU A 159 16.88 15.12 -1.97
CA LEU A 159 17.18 16.44 -1.45
C LEU A 159 17.22 16.43 0.07
N THR A 160 16.08 16.11 0.70
CA THR A 160 15.95 16.25 2.14
C THR A 160 16.89 15.31 2.90
N SER A 161 17.44 14.29 2.24
CA SER A 161 18.39 13.41 2.90
C SER A 161 19.83 13.85 2.64
N PHE A 162 20.23 13.86 1.37
CA PHE A 162 21.61 14.17 1.01
C PHE A 162 22.01 15.57 1.43
N LEU A 163 21.22 16.58 1.03
CA LEU A 163 21.67 17.97 1.18
C LEU A 163 21.96 18.34 2.63
N PRO A 164 21.07 18.06 3.61
CA PRO A 164 21.41 18.38 5.01
C PRO A 164 22.59 17.56 5.52
N ILE A 165 22.87 16.43 4.89
CA ILE A 165 23.98 15.58 5.31
C ILE A 165 25.23 15.97 4.53
N GLN A 166 25.11 16.06 3.21
CA GLN A 166 26.27 16.35 2.36
C GLN A 166 26.83 17.73 2.65
N MET A 167 25.96 18.73 2.80
CA MET A 167 26.42 20.08 3.09
C MET A 167 26.61 20.30 4.58
N HIS A 168 26.58 19.21 5.34
CA HIS A 168 27.00 19.19 6.74
C HIS A 168 26.12 20.08 7.61
N TRP A 169 24.81 19.88 7.47
CA TRP A 169 23.84 20.55 8.34
C TRP A 169 23.56 19.75 9.61
N TYR A 170 24.01 18.50 9.67
CA TYR A 170 23.76 17.62 10.81
C TYR A 170 24.93 17.55 11.77
N ARG A 171 26.01 18.32 11.53
CA ARG A 171 27.20 18.20 12.35
C ARG A 171 26.90 18.58 13.80
N ALA A 172 27.36 17.75 14.73
CA ALA A 172 27.12 17.95 16.15
C ALA A 172 28.28 18.73 16.77
N THR A 173 27.94 19.63 17.70
CA THR A 173 28.95 20.44 18.38
C THR A 173 29.75 19.63 19.40
N HIS A 174 29.22 18.50 19.86
CA HIS A 174 29.91 17.69 20.86
C HIS A 174 31.19 17.14 20.27
N GLN A 175 32.28 17.22 21.03
CA GLN A 175 33.62 17.15 20.45
C GLN A 175 33.92 15.82 19.79
N GLU A 176 33.40 14.72 20.35
CA GLU A 176 33.71 13.40 19.77
C GLU A 176 33.12 13.28 18.36
N ALA A 177 32.04 14.00 18.07
CA ALA A 177 31.53 14.05 16.72
C ALA A 177 32.55 14.69 15.78
N ILE A 178 33.15 15.81 16.20
CA ILE A 178 34.19 16.44 15.40
C ILE A 178 35.37 15.50 15.21
N ASN A 179 35.70 14.74 16.25
CA ASN A 179 36.74 13.72 16.11
C ASN A 179 36.37 12.70 15.05
N CYS A 180 35.11 12.24 15.04
CA CYS A 180 34.68 11.26 14.06
C CYS A 180 34.46 11.85 12.68
N TYR A 181 34.26 13.16 12.56
CA TYR A 181 34.13 13.78 11.24
C TYR A 181 35.45 13.83 10.48
N ALA A 182 36.58 13.62 11.16
CA ALA A 182 37.88 13.53 10.51
C ALA A 182 38.64 12.27 10.93
N GLU A 183 37.97 11.33 11.59
CA GLU A 183 38.65 10.13 12.06
C GLU A 183 38.96 9.16 10.92
N GLU A 184 38.14 9.17 9.87
CA GLU A 184 38.29 8.33 8.69
C GLU A 184 37.99 6.87 9.02
N THR A 185 37.75 6.57 10.29
CA THR A 185 37.32 5.23 10.69
C THR A 185 36.20 5.24 11.72
N CYS A 186 35.75 6.40 12.20
CA CYS A 186 34.59 6.50 13.06
C CYS A 186 33.42 7.03 12.23
N CYS A 187 32.33 6.28 12.22
CA CYS A 187 31.14 6.64 11.44
C CYS A 187 29.92 6.70 12.35
N ASP A 188 30.11 7.18 13.57
CA ASP A 188 29.01 7.33 14.50
C ASP A 188 28.11 8.47 14.08
N PHE A 189 26.80 8.22 14.07
CA PHE A 189 25.82 9.22 13.62
C PHE A 189 25.47 10.13 14.79
N PHE A 190 26.24 11.20 14.93
CA PHE A 190 25.96 12.25 15.90
C PHE A 190 25.27 13.41 15.20
N THR A 191 24.14 13.85 15.74
CA THR A 191 23.37 14.93 15.16
C THR A 191 23.04 15.96 16.23
N ASN A 192 22.93 17.22 15.79
CA ASN A 192 22.58 18.30 16.69
C ASN A 192 21.08 18.28 16.99
N GLN A 193 20.62 19.33 17.68
CA GLN A 193 19.22 19.41 18.09
C GLN A 193 18.33 19.82 16.93
N ALA A 194 18.92 20.09 15.77
CA ALA A 194 18.17 20.54 14.60
C ALA A 194 17.95 19.38 13.62
N TYR A 195 19.02 18.70 13.19
CA TYR A 195 18.84 17.60 12.24
C TYR A 195 18.01 16.48 12.83
N ALA A 196 18.18 16.20 14.12
CA ALA A 196 17.39 15.18 14.78
C ALA A 196 15.90 15.48 14.61
N ILE A 197 15.46 16.63 15.10
CA ILE A 197 14.05 17.00 14.99
C ILE A 197 13.66 17.25 13.54
N ALA A 198 14.28 18.23 12.89
CA ALA A 198 13.91 18.63 11.54
C ALA A 198 14.16 17.54 10.50
N SER A 199 14.67 16.38 10.92
CA SER A 199 14.78 15.22 10.05
C SER A 199 13.80 14.13 10.41
N SER A 200 13.77 13.68 11.67
CA SER A 200 12.83 12.65 12.08
C SER A 200 11.40 13.12 11.87
N ILE A 201 11.05 14.28 12.44
CA ILE A 201 9.70 14.82 12.34
C ILE A 201 9.26 14.82 10.89
N VAL A 202 9.97 15.55 10.03
CA VAL A 202 9.56 15.65 8.63
C VAL A 202 9.50 14.26 8.04
N SER A 203 10.67 13.61 7.91
CA SER A 203 10.80 12.45 7.04
C SER A 203 9.86 11.33 7.46
N PHE A 204 9.81 11.01 8.75
CA PHE A 204 8.88 9.96 9.16
C PHE A 204 7.46 10.52 9.32
N TYR A 205 7.28 11.43 10.28
CA TYR A 205 5.94 11.72 10.77
C TYR A 205 5.07 12.37 9.70
N VAL A 206 5.62 13.32 8.92
CA VAL A 206 4.77 14.02 7.95
C VAL A 206 4.20 13.05 6.92
N PRO A 207 5.02 12.25 6.21
CA PRO A 207 4.42 11.17 5.41
C PRO A 207 3.66 10.16 6.26
N LEU A 208 4.10 9.89 7.48
CA LEU A 208 3.37 8.96 8.33
C LEU A 208 1.97 9.49 8.64
N VAL A 209 1.88 10.73 9.09
CA VAL A 209 0.58 11.31 9.43
C VAL A 209 -0.30 11.39 8.20
N ILE A 210 0.24 11.88 7.08
CA ILE A 210 -0.56 12.01 5.86
C ILE A 210 -1.05 10.65 5.40
N MET A 211 -0.16 9.66 5.38
CA MET A 211 -0.53 8.32 4.93
C MET A 211 -1.58 7.69 5.84
N VAL A 212 -1.41 7.84 7.15
CA VAL A 212 -2.37 7.24 8.08
C VAL A 212 -3.74 7.89 7.91
N PHE A 213 -3.80 9.21 7.83
CA PHE A 213 -5.08 9.90 7.64
C PHE A 213 -5.72 9.50 6.31
N VAL A 214 -4.94 9.51 5.24
CA VAL A 214 -5.47 9.23 3.91
C VAL A 214 -5.96 7.79 3.84
N TYR A 215 -5.23 6.86 4.45
CA TYR A 215 -5.63 5.46 4.36
C TYR A 215 -6.81 5.15 5.27
N SER A 216 -6.93 5.86 6.40
CA SER A 216 -8.14 5.75 7.20
C SER A 216 -9.34 6.23 6.40
N ARG A 217 -9.17 7.35 5.69
CA ARG A 217 -10.24 7.82 4.82
C ARG A 217 -10.55 6.81 3.71
N VAL A 218 -9.52 6.17 3.17
CA VAL A 218 -9.70 5.16 2.13
C VAL A 218 -10.50 3.99 2.65
N PHE A 219 -10.16 3.51 3.85
CA PHE A 219 -10.88 2.38 4.43
C PHE A 219 -12.35 2.75 4.70
N GLN A 220 -12.57 3.95 5.25
CA GLN A 220 -13.94 4.39 5.50
C GLN A 220 -14.74 4.53 4.21
N GLU A 221 -14.11 5.07 3.16
CA GLU A 221 -14.81 5.25 1.89
C GLU A 221 -15.08 3.91 1.21
N ALA A 222 -14.16 2.96 1.35
CA ALA A 222 -14.39 1.62 0.81
C ALA A 222 -15.54 0.94 1.54
N LYS A 223 -15.60 1.10 2.85
CA LYS A 223 -16.75 0.57 3.61
C LYS A 223 -18.04 1.24 3.17
N ARG A 224 -17.89 2.45 2.61
CA ARG A 224 -19.06 3.22 2.12
C ARG A 224 -19.40 2.84 0.67
N GLN A 225 -18.43 2.66 -0.20
CA GLN A 225 -18.82 2.28 -1.58
C GLN A 225 -19.51 0.92 -1.56
N LEU A 226 -18.99 -0.01 -0.77
CA LEU A 226 -19.63 -1.34 -0.63
C LEU A 226 -21.04 -1.15 -0.09
N ALA A 227 -21.19 -0.31 0.92
CA ALA A 227 -22.52 -0.03 1.51
C ALA A 227 -23.48 0.47 0.43
N ASP A 228 -23.01 1.37 -0.44
CA ASP A 228 -23.88 1.94 -1.51
C ASP A 228 -24.24 0.83 -2.51
N LEU A 229 -23.27 0.01 -2.91
CA LEU A 229 -23.64 -1.11 -3.80
C LEU A 229 -24.77 -1.87 -3.11
N GLU A 230 -24.60 -2.15 -1.82
CA GLU A 230 -25.61 -2.95 -1.08
C GLU A 230 -26.96 -2.24 -1.02
N ASP A 231 -27.05 -1.05 -0.41
CA ASP A 231 -28.41 -0.51 -0.25
C ASP A 231 -29.18 -0.57 -1.56
N ASN A 232 -28.53 -0.25 -2.67
CA ASN A 232 -29.19 -0.33 -3.97
C ASN A 232 -29.62 -1.76 -4.28
N TRP A 233 -28.73 -2.73 -4.01
CA TRP A 233 -29.07 -4.13 -4.22
C TRP A 233 -29.96 -4.68 -3.11
N GLU A 234 -30.02 -4.02 -1.95
CA GLU A 234 -30.84 -4.49 -0.86
C GLU A 234 -32.32 -4.48 -1.23
N THR A 235 -32.77 -3.40 -1.87
CA THR A 235 -34.18 -3.32 -2.26
C THR A 235 -34.51 -4.29 -3.40
N LEU A 236 -33.52 -4.59 -4.26
CA LEU A 236 -33.74 -5.59 -5.30
C LEU A 236 -33.98 -6.97 -4.69
N ASN A 237 -33.21 -7.30 -3.65
CA ASN A 237 -33.47 -8.54 -2.93
C ASN A 237 -34.85 -8.53 -2.27
N ASP A 238 -35.24 -7.38 -1.70
CA ASP A 238 -36.53 -7.31 -1.01
C ASP A 238 -37.70 -7.36 -1.99
N ASN A 239 -37.65 -6.56 -3.04
CA ASN A 239 -38.75 -6.56 -4.01
C ASN A 239 -38.81 -7.86 -4.80
N LEU A 240 -37.75 -8.68 -4.76
CA LEU A 240 -37.82 -9.99 -5.40
C LEU A 240 -38.67 -10.95 -4.59
N LYS A 241 -38.56 -10.93 -3.26
CA LYS A 241 -39.31 -11.85 -2.42
C LYS A 241 -40.80 -11.56 -2.47
N VAL A 242 -41.18 -10.28 -2.51
CA VAL A 242 -42.60 -9.94 -2.49
C VAL A 242 -43.31 -10.33 -3.78
N ILE A 243 -42.55 -10.64 -4.84
CA ILE A 243 -43.17 -11.01 -6.11
C ILE A 243 -43.93 -12.33 -5.95
N GLU A 244 -43.30 -13.31 -5.30
CA GLU A 244 -43.99 -14.59 -5.08
C GLU A 244 -45.22 -14.42 -4.21
N LYS A 245 -45.13 -13.62 -3.15
CA LYS A 245 -46.27 -13.35 -2.28
C LYS A 245 -47.08 -12.21 -2.90
N ALA A 246 -47.75 -12.53 -4.00
CA ALA A 246 -48.57 -11.58 -4.72
C ALA A 246 -49.85 -12.26 -5.19
N ASP A 247 -50.94 -11.51 -5.22
CA ASP A 247 -52.24 -12.03 -5.64
C ASP A 247 -52.54 -11.71 -7.09
N ASN A 248 -52.43 -10.44 -7.48
CA ASN A 248 -52.70 -10.00 -8.84
C ASN A 248 -51.47 -9.29 -9.41
N ALA A 249 -51.66 -8.67 -10.58
CA ALA A 249 -50.55 -8.03 -11.29
C ALA A 249 -50.29 -6.60 -10.85
N ALA A 250 -51.07 -6.07 -9.90
CA ALA A 250 -50.88 -4.69 -9.49
C ALA A 250 -49.54 -4.49 -8.77
N GLN A 251 -49.25 -5.34 -7.78
CA GLN A 251 -48.03 -5.16 -7.01
C GLN A 251 -46.79 -5.62 -7.76
N VAL A 252 -46.92 -6.63 -8.63
CA VAL A 252 -45.75 -7.03 -9.42
C VAL A 252 -45.33 -5.91 -10.35
N LYS A 253 -46.27 -5.06 -10.76
CA LYS A 253 -45.91 -3.82 -11.45
C LYS A 253 -45.08 -2.91 -10.55
N ASP A 254 -45.55 -2.67 -9.34
CA ASP A 254 -44.81 -1.79 -8.43
C ASP A 254 -43.45 -2.37 -8.10
N ALA A 255 -43.38 -3.69 -7.88
CA ALA A 255 -42.11 -4.33 -7.55
C ALA A 255 -41.13 -4.24 -8.71
N LEU A 256 -41.60 -4.51 -9.93
CA LEU A 256 -40.67 -4.62 -11.06
C LEU A 256 -40.18 -3.26 -11.52
N THR A 257 -41.06 -2.25 -11.55
CA THR A 257 -40.65 -0.94 -12.03
C THR A 257 -39.58 -0.33 -11.15
N LYS A 258 -39.78 -0.35 -9.83
CA LYS A 258 -38.75 0.17 -8.92
C LYS A 258 -37.51 -0.70 -8.97
N MET A 259 -37.70 -2.02 -9.14
CA MET A 259 -36.56 -2.91 -9.32
C MET A 259 -35.80 -2.58 -10.59
N ARG A 260 -36.51 -2.24 -11.66
CA ARG A 260 -35.85 -1.79 -12.89
C ARG A 260 -35.06 -0.51 -12.64
N ALA A 261 -35.63 0.42 -11.87
CA ALA A 261 -34.89 1.62 -11.50
C ALA A 261 -33.67 1.27 -10.65
N ALA A 262 -33.82 0.32 -9.73
CA ALA A 262 -32.69 -0.13 -8.93
C ALA A 262 -31.63 -0.79 -9.81
N ALA A 263 -32.06 -1.61 -10.77
CA ALA A 263 -31.11 -2.22 -11.69
C ALA A 263 -30.41 -1.17 -12.56
N LEU A 264 -31.18 -0.20 -13.05
CA LEU A 264 -30.59 0.86 -13.85
C LEU A 264 -29.63 1.71 -13.02
N ASP A 265 -30.02 2.03 -11.79
CA ASP A 265 -29.11 2.75 -10.89
C ASP A 265 -27.88 1.92 -10.58
N ALA A 266 -28.05 0.61 -10.36
CA ALA A 266 -26.90 -0.26 -10.14
C ALA A 266 -26.02 -0.33 -11.37
N GLN A 267 -26.63 -0.33 -12.56
CA GLN A 267 -25.85 -0.27 -13.80
C GLN A 267 -25.09 1.04 -13.88
N LYS A 268 -25.72 2.15 -13.49
CA LYS A 268 -25.02 3.44 -13.45
C LYS A 268 -23.96 3.45 -12.35
N ALA A 269 -24.15 2.66 -11.29
CA ALA A 269 -23.20 2.61 -10.19
C ALA A 269 -21.99 1.79 -10.59
N SER A 274 -14.58 1.67 -13.00
CA SER A 274 -13.41 1.06 -12.38
C SER A 274 -12.98 -0.18 -13.15
N PRO A 275 -11.70 -0.57 -13.04
CA PRO A 275 -11.27 -1.84 -13.62
C PRO A 275 -12.03 -3.00 -13.00
N GLU A 276 -12.32 -4.01 -13.82
CA GLU A 276 -13.12 -5.21 -13.56
C GLU A 276 -14.61 -4.91 -13.60
N MET A 277 -15.04 -3.66 -13.77
CA MET A 277 -16.43 -3.35 -14.03
C MET A 277 -16.88 -3.73 -15.43
N LYS A 278 -15.95 -4.14 -16.30
CA LYS A 278 -16.33 -4.62 -17.62
C LYS A 278 -17.25 -5.83 -17.51
N ASP A 279 -16.91 -6.77 -16.62
CA ASP A 279 -17.84 -7.85 -16.31
C ASP A 279 -19.10 -7.32 -15.62
N PHE A 280 -18.94 -6.33 -14.73
CA PHE A 280 -20.09 -5.79 -14.03
C PHE A 280 -21.06 -5.11 -14.99
N ARG A 281 -20.54 -4.26 -15.88
CA ARG A 281 -21.40 -3.51 -16.78
C ARG A 281 -22.12 -4.43 -17.75
N HIS A 282 -21.43 -5.45 -18.28
CA HIS A 282 -22.02 -6.32 -19.27
C HIS A 282 -23.16 -7.15 -18.68
N GLY A 283 -23.04 -7.55 -17.41
CA GLY A 283 -24.08 -8.34 -16.79
C GLY A 283 -25.39 -7.60 -16.65
N PHE A 284 -25.32 -6.29 -16.37
CA PHE A 284 -26.53 -5.50 -16.19
C PHE A 284 -27.37 -5.41 -17.46
N ASP A 285 -26.76 -5.53 -18.64
CA ASP A 285 -27.54 -5.62 -19.86
C ASP A 285 -28.42 -6.85 -19.86
N ILE A 286 -27.88 -7.99 -19.40
CA ILE A 286 -28.70 -9.17 -19.22
C ILE A 286 -29.75 -8.95 -18.14
N LEU A 287 -29.34 -8.33 -17.02
CA LEU A 287 -30.27 -8.10 -15.92
C LEU A 287 -31.47 -7.26 -16.36
N VAL A 288 -31.22 -6.09 -16.95
CA VAL A 288 -32.30 -5.15 -17.21
C VAL A 288 -33.32 -5.77 -18.16
N GLY A 289 -32.86 -6.59 -19.10
CA GLY A 289 -33.77 -7.26 -20.00
C GLY A 289 -34.72 -8.21 -19.29
N GLN A 290 -34.25 -8.83 -18.20
CA GLN A 290 -35.09 -9.76 -17.46
C GLN A 290 -36.32 -9.06 -16.89
N ILE A 291 -36.14 -7.88 -16.29
CA ILE A 291 -37.30 -7.15 -15.77
C ILE A 291 -38.21 -6.72 -16.91
N ASP A 292 -37.64 -6.22 -18.01
CA ASP A 292 -38.46 -5.85 -19.16
C ASP A 292 -39.26 -7.03 -19.66
N ASP A 293 -38.65 -8.22 -19.68
CA ASP A 293 -39.40 -9.43 -20.01
C ASP A 293 -40.51 -9.68 -19.00
N ALA A 294 -40.19 -9.53 -17.70
CA ALA A 294 -41.19 -9.75 -16.67
C ALA A 294 -42.19 -8.61 -16.60
N LEU A 295 -41.71 -7.36 -16.74
CA LEU A 295 -42.61 -6.21 -16.64
C LEU A 295 -43.62 -6.19 -17.78
N LYS A 296 -43.17 -6.53 -19.00
CA LYS A 296 -44.10 -6.56 -20.13
C LYS A 296 -45.17 -7.62 -19.93
N LEU A 297 -44.78 -8.80 -19.42
CA LEU A 297 -45.78 -9.80 -19.06
C LEU A 297 -46.69 -9.28 -17.96
N ALA A 298 -46.11 -8.57 -16.98
CA ALA A 298 -46.92 -7.95 -15.95
C ALA A 298 -47.83 -6.86 -16.54
N ASN A 299 -47.34 -6.15 -17.57
CA ASN A 299 -48.15 -5.12 -18.21
C ASN A 299 -49.09 -5.72 -19.23
N GLU A 300 -49.78 -6.80 -18.87
CA GLU A 300 -50.76 -7.41 -19.76
C GLU A 300 -52.01 -7.88 -19.03
N GLY A 301 -52.12 -7.65 -17.72
CA GLY A 301 -53.22 -8.19 -16.95
C GLY A 301 -53.02 -9.62 -16.52
N LYS A 302 -51.90 -10.24 -16.87
CA LYS A 302 -51.60 -11.62 -16.54
C LYS A 302 -50.31 -11.70 -15.74
N VAL A 303 -50.36 -12.40 -14.61
CA VAL A 303 -49.28 -12.38 -13.64
C VAL A 303 -48.73 -13.77 -13.34
N LYS A 304 -49.52 -14.83 -13.52
CA LYS A 304 -49.14 -16.14 -13.01
C LYS A 304 -47.84 -16.64 -13.61
N GLU A 305 -47.61 -16.38 -14.90
CA GLU A 305 -46.35 -16.81 -15.49
C GLU A 305 -45.30 -15.72 -15.45
N ALA A 306 -45.71 -14.46 -15.36
CA ALA A 306 -44.76 -13.41 -15.00
C ALA A 306 -44.18 -13.66 -13.61
N GLN A 307 -44.94 -14.34 -12.75
CA GLN A 307 -44.38 -14.88 -11.51
C GLN A 307 -43.23 -15.83 -11.81
N ALA A 308 -43.39 -16.69 -12.81
CA ALA A 308 -42.33 -17.62 -13.19
C ALA A 308 -41.19 -16.91 -13.91
N ALA A 309 -41.48 -15.83 -14.64
CA ALA A 309 -40.41 -15.06 -15.28
C ALA A 309 -39.51 -14.41 -14.24
N ALA A 310 -40.06 -14.01 -13.10
CA ALA A 310 -39.26 -13.42 -12.03
C ALA A 310 -38.45 -14.47 -11.27
N GLU A 311 -38.72 -15.77 -11.49
CA GLU A 311 -37.92 -16.80 -10.83
C GLU A 311 -36.50 -16.83 -11.37
N GLN A 312 -36.31 -16.51 -12.65
CA GLN A 312 -34.96 -16.43 -13.20
C GLN A 312 -34.16 -15.30 -12.57
N LEU A 313 -34.84 -14.32 -11.96
CA LEU A 313 -34.16 -13.24 -11.29
C LEU A 313 -33.30 -13.75 -10.14
N LYS A 314 -33.75 -14.80 -9.46
CA LYS A 314 -32.91 -15.41 -8.42
C LYS A 314 -31.62 -15.95 -9.00
N THR A 315 -31.69 -16.58 -10.18
CA THR A 315 -30.49 -17.09 -10.82
C THR A 315 -29.53 -15.96 -11.16
N THR A 316 -30.05 -14.84 -11.67
CA THR A 316 -29.21 -13.68 -11.91
C THR A 316 -28.69 -13.10 -10.61
N ARG A 317 -29.56 -12.99 -9.60
CA ARG A 317 -29.16 -12.46 -8.31
C ARG A 317 -28.10 -13.35 -7.66
N ASN A 318 -28.29 -14.66 -7.71
CA ASN A 318 -27.29 -15.59 -7.18
C ASN A 318 -25.99 -15.54 -7.97
N ALA A 319 -26.02 -15.24 -9.27
CA ALA A 319 -24.83 -15.40 -10.14
C ALA A 319 -23.81 -14.26 -10.11
N TYR A 320 -24.40 -13.09 -9.82
CA TYR A 320 -23.66 -11.81 -9.76
C TYR A 320 -23.47 -11.42 -8.32
N ILE A 321 -24.36 -11.84 -7.41
CA ILE A 321 -24.03 -11.55 -5.99
C ILE A 321 -22.79 -12.37 -5.76
N GLN A 322 -22.69 -13.54 -6.38
CA GLN A 322 -21.42 -14.30 -6.23
C GLN A 322 -20.28 -13.46 -6.78
N LYS A 323 -20.42 -12.92 -7.99
CA LYS A 323 -19.28 -12.17 -8.59
C LYS A 323 -18.93 -11.03 -7.66
N TYR A 324 -19.91 -10.37 -7.07
CA TYR A 324 -19.56 -9.18 -6.25
C TYR A 324 -18.92 -9.64 -4.96
N LEU A 325 -19.45 -10.64 -4.27
CA LEU A 325 -18.73 -11.11 -3.09
C LEU A 325 -17.28 -11.27 -3.56
N LYS A 326 -17.05 -12.01 -4.64
CA LYS A 326 -15.65 -12.34 -4.99
C LYS A 326 -14.84 -11.05 -5.18
N PHE A 327 -15.30 -10.14 -6.03
CA PHE A 327 -14.51 -8.92 -6.34
C PHE A 327 -14.33 -8.04 -5.11
N CYS A 328 -15.35 -7.89 -4.29
CA CYS A 328 -15.26 -7.06 -3.06
C CYS A 328 -14.22 -7.65 -2.12
N LEU A 329 -14.23 -8.96 -1.97
CA LEU A 329 -13.25 -9.62 -1.07
C LEU A 329 -11.85 -9.44 -1.67
N LYS A 330 -11.74 -9.55 -2.99
CA LYS A 330 -10.43 -9.33 -3.64
C LYS A 330 -10.07 -7.87 -3.46
N GLU A 331 -11.06 -6.98 -3.49
CA GLU A 331 -10.70 -5.59 -3.23
C GLU A 331 -10.44 -5.34 -1.75
N HIS A 332 -11.24 -5.94 -0.87
CA HIS A 332 -11.01 -5.78 0.56
C HIS A 332 -9.66 -6.39 0.96
N LYS A 333 -9.33 -7.56 0.40
CA LYS A 333 -8.03 -8.17 0.66
C LYS A 333 -6.87 -7.32 0.13
N ALA A 334 -7.00 -6.76 -1.07
CA ALA A 334 -5.94 -5.90 -1.58
C ALA A 334 -5.77 -4.65 -0.72
N LEU A 335 -6.88 -4.03 -0.34
CA LEU A 335 -6.83 -2.87 0.54
C LEU A 335 -6.21 -3.19 1.89
N LYS A 336 -6.56 -4.33 2.49
CA LYS A 336 -5.92 -4.78 3.72
C LYS A 336 -4.44 -5.05 3.53
N THR A 337 -4.04 -5.67 2.43
CA THR A 337 -2.64 -5.96 2.13
C THR A 337 -1.80 -4.71 2.04
N LEU A 338 -2.28 -3.68 1.31
CA LEU A 338 -1.61 -2.39 1.38
C LEU A 338 -1.67 -1.82 2.79
N GLY A 339 -2.78 -2.03 3.49
CA GLY A 339 -2.87 -1.63 4.88
C GLY A 339 -1.89 -2.37 5.77
N ILE A 340 -1.71 -3.67 5.53
CA ILE A 340 -0.71 -4.43 6.29
C ILE A 340 0.69 -3.92 5.98
N ILE A 341 0.94 -3.53 4.72
CA ILE A 341 2.24 -2.97 4.36
C ILE A 341 2.51 -1.70 5.15
N MET A 342 1.55 -0.78 5.15
CA MET A 342 1.72 0.47 5.88
C MET A 342 1.82 0.22 7.39
N GLY A 343 1.02 -0.71 7.89
CA GLY A 343 1.05 -1.00 9.32
C GLY A 343 2.36 -1.61 9.77
N THR A 344 2.92 -2.53 8.99
CA THR A 344 4.20 -3.12 9.37
C THR A 344 5.33 -2.12 9.23
N PHE A 345 5.28 -1.26 8.20
CA PHE A 345 6.30 -0.22 8.10
C PHE A 345 6.22 0.72 9.30
N THR A 346 5.01 1.12 9.69
CA THR A 346 4.85 1.99 10.84
C THR A 346 5.31 1.31 12.13
N LEU A 347 4.94 0.05 12.32
CA LEU A 347 5.28 -0.64 13.55
C LEU A 347 6.77 -0.95 13.64
N CYS A 348 7.46 -1.03 12.50
CA CYS A 348 8.89 -1.31 12.51
C CYS A 348 9.74 -0.05 12.51
N TRP A 349 9.19 1.11 12.12
CA TRP A 349 9.97 2.34 12.12
C TRP A 349 9.58 3.32 13.20
N LEU A 350 8.38 3.21 13.79
CA LEU A 350 7.98 4.13 14.84
C LEU A 350 8.82 4.03 16.11
N PRO A 351 9.17 2.85 16.63
CA PRO A 351 10.04 2.84 17.82
C PRO A 351 11.35 3.57 17.61
N PHE A 352 11.97 3.42 16.44
CA PHE A 352 13.25 4.09 16.19
C PHE A 352 13.10 5.61 16.21
N PHE A 353 12.06 6.12 15.55
CA PHE A 353 11.90 7.57 15.52
C PHE A 353 11.43 8.12 16.86
N ILE A 354 10.66 7.33 17.62
CA ILE A 354 10.27 7.73 18.96
C ILE A 354 11.49 7.85 19.87
N VAL A 355 12.38 6.86 19.81
CA VAL A 355 13.57 6.93 20.66
C VAL A 355 14.54 7.98 20.14
N ASN A 356 14.49 8.28 18.84
CA ASN A 356 15.24 9.42 18.32
C ASN A 356 14.74 10.72 18.90
N ILE A 357 13.42 10.88 18.98
CA ILE A 357 12.82 12.11 19.51
C ILE A 357 13.13 12.26 20.99
N VAL A 358 12.89 11.20 21.77
CA VAL A 358 13.10 11.29 23.22
C VAL A 358 14.57 11.19 23.60
N HIS A 359 15.45 10.80 22.67
CA HIS A 359 16.87 10.71 22.96
C HIS A 359 17.54 12.08 22.90
N VAL A 360 17.11 12.94 21.97
CA VAL A 360 17.75 14.23 21.79
C VAL A 360 17.11 15.33 22.62
N ILE A 361 15.87 15.14 23.08
CA ILE A 361 15.26 16.14 23.96
C ILE A 361 15.99 16.19 25.30
N GLN A 362 16.56 15.07 25.73
CA GLN A 362 17.33 14.97 26.96
C GLN A 362 18.77 14.56 26.62
N ASP A 363 19.55 14.26 27.65
CA ASP A 363 20.97 13.95 27.49
C ASP A 363 21.16 12.43 27.52
N ASN A 364 20.75 11.77 26.43
CA ASN A 364 21.19 10.42 26.10
C ASN A 364 20.88 9.41 27.21
N LEU A 365 19.59 9.17 27.43
CA LEU A 365 19.17 8.10 28.33
C LEU A 365 19.00 6.76 27.60
N ILE A 366 19.24 6.71 26.29
CA ILE A 366 19.06 5.50 25.50
C ILE A 366 20.44 5.04 25.02
N ARG A 367 20.80 3.81 25.35
CA ARG A 367 22.07 3.27 24.90
C ARG A 367 22.08 3.09 23.39
N LYS A 368 23.29 3.09 22.82
CA LYS A 368 23.42 2.94 21.38
C LYS A 368 22.88 1.60 20.89
N GLU A 369 23.09 0.53 21.65
CA GLU A 369 22.66 -0.79 21.20
C GLU A 369 21.14 -0.86 21.02
N VAL A 370 20.38 -0.26 21.94
CA VAL A 370 18.93 -0.17 21.75
C VAL A 370 18.60 0.66 20.53
N TYR A 371 19.30 1.78 20.36
CA TYR A 371 19.16 2.60 19.15
C TYR A 371 19.46 1.77 17.91
N ILE A 372 20.57 1.03 17.92
CA ILE A 372 20.92 0.17 16.80
C ILE A 372 19.87 -0.92 16.61
N LEU A 373 19.36 -1.47 17.71
CA LEU A 373 18.37 -2.54 17.60
C LEU A 373 17.10 -2.05 16.91
N LEU A 374 16.59 -0.89 17.32
CA LEU A 374 15.37 -0.37 16.71
C LEU A 374 15.61 0.08 15.27
N ASN A 375 16.75 0.73 15.03
CA ASN A 375 17.09 1.10 13.66
C ASN A 375 17.21 -0.12 12.78
N TRP A 376 17.65 -1.25 13.33
CA TRP A 376 17.83 -2.43 12.50
C TRP A 376 16.51 -3.20 12.32
N ILE A 377 15.59 -3.07 13.27
CA ILE A 377 14.22 -3.52 13.01
C ILE A 377 13.64 -2.74 11.83
N GLY A 378 13.84 -1.43 11.83
CA GLY A 378 13.46 -0.62 10.69
C GLY A 378 14.17 -1.01 9.41
N TYR A 379 15.42 -1.46 9.52
CA TYR A 379 16.12 -2.00 8.37
C TYR A 379 15.46 -3.27 7.85
N VAL A 380 15.15 -4.20 8.76
CA VAL A 380 14.74 -5.55 8.36
C VAL A 380 13.28 -5.63 7.98
N ASN A 381 12.48 -4.58 8.22
CA ASN A 381 11.13 -4.62 7.67
C ASN A 381 11.12 -4.59 6.15
N SER A 382 12.26 -4.27 5.54
CA SER A 382 12.34 -4.16 4.08
C SER A 382 11.98 -5.47 3.40
N GLY A 383 12.35 -6.60 4.00
CA GLY A 383 11.99 -7.87 3.43
C GLY A 383 10.57 -8.31 3.72
N PHE A 384 9.86 -7.57 4.58
CA PHE A 384 8.48 -7.91 4.90
C PHE A 384 7.54 -7.56 3.75
N ASN A 385 7.89 -6.54 2.96
CA ASN A 385 6.99 -6.10 1.90
C ASN A 385 6.72 -7.16 0.84
N PRO A 386 7.72 -7.86 0.28
CA PRO A 386 7.39 -8.93 -0.68
C PRO A 386 6.55 -10.04 -0.08
N LEU A 387 6.78 -10.38 1.20
CA LEU A 387 5.97 -11.40 1.85
C LEU A 387 4.51 -10.98 1.94
N ILE A 388 4.28 -9.70 2.28
CA ILE A 388 2.91 -9.21 2.38
C ILE A 388 2.27 -9.12 0.99
N TYR A 389 3.08 -8.77 -0.02
CA TYR A 389 2.56 -8.80 -1.40
C TYR A 389 2.15 -10.20 -1.80
N SER A 390 2.89 -11.22 -1.32
CA SER A 390 2.53 -12.61 -1.62
C SER A 390 1.16 -12.97 -1.05
N ARG A 391 0.63 -12.20 -0.11
CA ARG A 391 -0.72 -12.44 0.37
C ARG A 391 -1.75 -12.25 -0.75
N SER A 392 -1.57 -11.23 -1.57
CA SER A 392 -2.47 -11.00 -2.69
C SER A 392 -2.33 -12.13 -3.70
N PRO A 393 -3.44 -12.72 -4.17
CA PRO A 393 -3.33 -13.85 -5.11
C PRO A 393 -2.53 -13.54 -6.38
N ASP A 394 -2.67 -12.33 -6.92
CA ASP A 394 -1.99 -12.01 -8.17
C ASP A 394 -0.48 -12.03 -8.00
N PHE A 395 0.02 -11.35 -6.97
CA PHE A 395 1.46 -11.33 -6.72
C PHE A 395 1.99 -12.70 -6.35
N ARG A 396 1.21 -13.49 -5.61
CA ARG A 396 1.63 -14.84 -5.26
C ARG A 396 1.81 -15.70 -6.51
N ILE A 397 0.83 -15.64 -7.42
CA ILE A 397 0.94 -16.41 -8.67
C ILE A 397 2.10 -15.91 -9.51
N ALA A 398 2.29 -14.60 -9.57
CA ALA A 398 3.41 -14.05 -10.34
C ALA A 398 4.75 -14.53 -9.78
N PHE A 399 4.91 -14.48 -8.45
CA PHE A 399 6.15 -14.93 -7.84
C PHE A 399 6.37 -16.42 -8.05
N GLN A 400 5.31 -17.22 -7.94
CA GLN A 400 5.43 -18.65 -8.18
C GLN A 400 5.82 -18.94 -9.61
N GLU A 401 5.27 -18.20 -10.57
CA GLU A 401 5.61 -18.41 -11.97
C GLU A 401 7.02 -17.94 -12.28
N LEU A 402 7.50 -16.91 -11.59
CA LEU A 402 8.90 -16.50 -11.75
C LEU A 402 9.85 -17.57 -11.23
N LEU A 403 9.54 -18.15 -10.07
CA LEU A 403 10.41 -19.14 -9.46
C LEU A 403 10.35 -20.46 -10.21
C10 DZQ B . 21.24 6.68 11.84
C13 DZQ B . 18.04 6.36 9.89
C15 DZQ B . 17.24 7.64 9.61
C17 DZQ B . 15.52 8.80 8.33
C20 DZQ B . 16.72 9.97 10.11
C21 DZQ B . 17.46 8.82 10.37
C24 DZQ B . 17.65 11.07 12.13
C28 DZQ B . 25.63 5.13 12.78
C01 DZQ B . 26.71 4.00 15.77
O02 DZQ B . 26.37 5.16 15.08
C03 DZQ B . 25.35 4.99 14.12
C04 DZQ B . 24.08 4.68 14.54
C05 DZQ B . 23.06 4.50 13.61
C06 DZQ B . 23.33 4.64 12.25
C07 DZQ B . 22.22 4.45 11.21
C08 DZQ B . 21.53 5.72 10.69
C09 DZQ B . 22.43 6.41 9.67
N11 DZQ B . 20.27 5.35 10.05
C12 DZQ B . 19.54 6.55 9.66
O14 DZQ B . 17.60 5.37 9.02
C16 DZQ B . 16.27 7.63 8.60
O18 DZQ B . 14.55 8.80 7.32
C19 DZQ B . 15.75 9.97 9.08
O22 DZQ B . 18.46 8.84 11.43
C23 DZQ B . 18.06 9.65 12.52
O25 DZQ B . 17.88 12.01 12.81
N26 DZQ B . 16.97 11.15 10.89
C27 DZQ B . 24.62 4.95 11.84
#